data_6CPE
#
_entry.id   6CPE
#
_cell.length_a   80.550
_cell.length_b   80.550
_cell.length_c   169.790
_cell.angle_alpha   90.000
_cell.angle_beta   90.000
_cell.angle_gamma   120.000
#
_symmetry.space_group_name_H-M   'P 61 2 2'
#
loop_
_entity.id
_entity.type
_entity.pdbx_description
1 polymer 'Aurora kinase A'
2 non-polymer 1-ETHOXY-2-(2-ETHOXYETHOXY)ETHANE
3 water water
#
_entity_poly.entity_id   1
_entity_poly.type   'polypeptide(L)'
_entity_poly.pdbx_seq_one_letter_code
;SVDESKKRQWALEDFEIGRPLGKGKFGNVYLAREKQSKFILALKVLFKAQLEKAGVEHQLRREVEIQSHLRHPNILRLYG
YFHDATRVYLILEYAPLGTVYRELQKLSKFDEQRTATYITELANALSYCHSKRVIHRDIKPENLLLGSAGELKIADFGWS
VHAPSSRRTTLCGTLDYLPPEMIEGRMHDEKVDLWSLGVLCYEFLVGKPPFEANTYQETYKRISRVEFTFPDFVTEGARD
LISRLLKHNPSQRPMLREVLEHPWITANSSKPSNCQNKESASKQS
;
_entity_poly.pdbx_strand_id   A
#
loop_
_chem_comp.id
_chem_comp.type
_chem_comp.name
_chem_comp.formula
P4G non-polymer 1-ETHOXY-2-(2-ETHOXYETHOXY)ETHANE 'C8 H18 O3'
#
# COMPACT_ATOMS: atom_id res chain seq x y z
N GLN A 9 15.20 -19.91 12.75
CA GLN A 9 15.43 -20.40 14.10
C GLN A 9 15.26 -19.27 15.13
N TRP A 10 14.57 -18.21 14.73
CA TRP A 10 14.35 -17.08 15.62
C TRP A 10 13.47 -17.48 16.80
N ALA A 11 13.31 -16.55 17.74
CA ALA A 11 12.47 -16.77 18.91
C ALA A 11 12.16 -15.42 19.55
N LEU A 12 10.99 -15.33 20.19
CA LEU A 12 10.54 -14.06 20.75
C LEU A 12 11.50 -13.53 21.79
N GLU A 13 12.26 -14.41 22.43
CA GLU A 13 13.22 -14.01 23.45
C GLU A 13 14.49 -13.40 22.87
N ASP A 14 14.65 -13.42 21.54
CA ASP A 14 15.76 -12.76 20.88
C ASP A 14 15.56 -11.26 20.72
N PHE A 15 14.41 -10.72 21.12
CA PHE A 15 14.06 -9.35 20.87
C PHE A 15 13.58 -8.68 22.15
N GLU A 16 13.93 -7.41 22.30
CA GLU A 16 13.28 -6.52 23.23
C GLU A 16 12.21 -5.76 22.47
N ILE A 17 10.99 -5.81 22.95
CA ILE A 17 9.87 -5.13 22.30
C ILE A 17 9.62 -3.81 23.02
N GLY A 18 9.11 -2.83 22.28
CA GLY A 18 8.86 -1.54 22.88
C GLY A 18 7.60 -0.86 22.36
N ARG A 19 7.79 0.34 21.84
CA ARG A 19 6.67 1.14 21.37
C ARG A 19 5.80 0.30 20.43
N PRO A 20 4.49 0.24 20.65
CA PRO A 20 3.58 -0.27 19.61
C PRO A 20 3.54 0.67 18.42
N LEU A 21 3.84 0.13 17.23
CA LEU A 21 3.85 0.93 16.02
C LEU A 21 2.49 0.98 15.34
N GLY A 22 1.57 0.09 15.72
CA GLY A 22 0.26 0.06 15.11
C GLY A 22 -0.54 -1.16 15.50
N LYS A 23 -1.86 -0.98 15.62
CA LYS A 23 -2.77 -2.08 15.91
C LYS A 23 -3.37 -2.57 14.59
N GLY A 24 -3.35 -3.90 14.41
CA GLY A 24 -3.90 -4.52 13.22
C GLY A 24 -5.09 -5.39 13.56
N LYS A 25 -5.77 -5.85 12.50
CA LYS A 25 -6.90 -6.75 12.68
C LYS A 25 -6.48 -8.01 13.42
N PHE A 26 -5.46 -8.70 12.91
CA PHE A 26 -5.05 -10.00 13.43
C PHE A 26 -3.97 -9.90 14.50
N GLY A 27 -3.51 -8.70 14.83
CA GLY A 27 -2.44 -8.54 15.80
C GLY A 27 -1.99 -7.10 15.90
N ASN A 28 -0.73 -6.92 16.29
CA ASN A 28 -0.17 -5.60 16.50
C ASN A 28 1.27 -5.57 16.01
N VAL A 29 1.69 -4.40 15.54
CA VAL A 29 3.07 -4.17 15.12
C VAL A 29 3.77 -3.44 16.26
N TYR A 30 4.91 -3.96 16.67
CA TYR A 30 5.67 -3.41 17.78
C TYR A 30 7.07 -3.03 17.30
N LEU A 31 7.57 -1.91 17.82
CA LEU A 31 8.99 -1.63 17.70
C LEU A 31 9.76 -2.66 18.51
N ALA A 32 10.87 -3.12 17.95
CA ALA A 32 11.66 -4.14 18.64
C ALA A 32 13.12 -4.00 18.25
N ARG A 33 13.98 -4.44 19.16
CA ARG A 33 15.41 -4.48 18.92
C ARG A 33 15.91 -5.91 19.16
N GLU A 34 16.74 -6.41 18.25
CA GLU A 34 17.37 -7.70 18.42
C GLU A 34 18.47 -7.61 19.45
N LYS A 35 18.40 -8.46 20.47
CA LYS A 35 19.23 -8.30 21.66
C LYS A 35 20.71 -8.37 21.34
N GLN A 36 21.11 -9.29 20.45
CA GLN A 36 22.53 -9.53 20.25
C GLN A 36 23.15 -8.46 19.36
N SER A 37 22.46 -8.06 18.30
CA SER A 37 22.97 -7.07 17.36
C SER A 37 22.45 -5.66 17.62
N LYS A 38 21.48 -5.49 18.50
CA LYS A 38 20.84 -4.20 18.77
C LYS A 38 20.11 -3.67 17.53
N PHE A 39 19.81 -4.54 16.57
CA PHE A 39 19.15 -4.12 15.34
C PHE A 39 17.70 -3.74 15.62
N ILE A 40 17.32 -2.53 15.22
CA ILE A 40 15.96 -2.05 15.42
C ILE A 40 15.13 -2.47 14.22
N LEU A 41 13.91 -2.89 14.50
CA LEU A 41 13.02 -3.46 13.48
C LEU A 41 11.61 -3.41 14.05
N ALA A 42 10.65 -3.81 13.22
CA ALA A 42 9.26 -3.95 13.62
C ALA A 42 8.91 -5.43 13.70
N LEU A 43 8.15 -5.78 14.74
CA LEU A 43 7.67 -7.13 14.96
C LEU A 43 6.16 -7.12 14.82
N LYS A 44 5.64 -7.72 13.75
CA LYS A 44 4.21 -7.87 13.55
C LYS A 44 3.79 -9.21 14.19
N VAL A 45 2.98 -9.14 15.24
CA VAL A 45 2.61 -10.31 16.02
C VAL A 45 1.19 -10.70 15.61
N LEU A 46 1.09 -11.62 14.66
CA LEU A 46 -0.19 -12.13 14.21
C LEU A 46 -0.63 -13.32 15.05
N PHE A 47 -1.92 -13.40 15.34
CA PHE A 47 -2.47 -14.47 16.17
C PHE A 47 -3.04 -15.56 15.26
N LYS A 48 -2.51 -16.77 15.39
CA LYS A 48 -3.00 -17.90 14.60
C LYS A 48 -4.51 -18.07 14.79
N ALA A 49 -5.01 -17.81 15.99
CA ALA A 49 -6.44 -17.88 16.24
C ALA A 49 -7.22 -17.13 15.16
N GLN A 50 -7.01 -15.81 15.07
CA GLN A 50 -7.72 -15.01 14.08
C GLN A 50 -7.34 -15.42 12.66
N LEU A 51 -6.06 -15.73 12.43
CA LEU A 51 -5.61 -16.10 11.09
C LEU A 51 -6.31 -17.36 10.61
N GLU A 52 -6.22 -18.44 11.38
CA GLU A 52 -6.87 -19.68 10.99
C GLU A 52 -8.37 -19.51 10.89
N LYS A 53 -8.99 -18.83 11.87
CA LYS A 53 -10.42 -18.57 11.81
C LYS A 53 -10.83 -17.72 10.61
N ALA A 54 -9.86 -17.16 9.88
CA ALA A 54 -10.15 -16.41 8.67
C ALA A 54 -9.62 -17.07 7.41
N GLY A 55 -8.74 -18.05 7.54
CA GLY A 55 -8.21 -18.77 6.40
C GLY A 55 -7.31 -17.91 5.53
N VAL A 56 -6.36 -17.22 6.16
CA VAL A 56 -5.42 -16.36 5.45
C VAL A 56 -4.01 -16.95 5.56
N GLU A 57 -3.91 -18.27 5.38
CA GLU A 57 -2.61 -18.92 5.40
C GLU A 57 -1.85 -18.65 4.11
N HIS A 58 -2.51 -18.85 2.96
CA HIS A 58 -1.91 -18.49 1.69
C HIS A 58 -1.66 -16.99 1.59
N GLN A 59 -2.56 -16.19 2.19
CA GLN A 59 -2.33 -14.74 2.25
C GLN A 59 -1.08 -14.44 3.07
N LEU A 60 -0.95 -15.06 4.25
CA LEU A 60 0.23 -14.85 5.08
C LEU A 60 1.47 -15.40 4.40
N ARG A 61 1.41 -16.62 3.87
CA ARG A 61 2.56 -17.18 3.17
C ARG A 61 2.94 -16.31 1.98
N ARG A 62 1.96 -15.92 1.18
CA ARG A 62 2.26 -15.04 0.05
C ARG A 62 2.91 -13.74 0.52
N GLU A 63 2.49 -13.23 1.68
CA GLU A 63 3.11 -12.03 2.22
C GLU A 63 4.58 -12.29 2.55
N VAL A 64 4.86 -13.35 3.30
CA VAL A 64 6.25 -13.70 3.60
C VAL A 64 6.98 -14.08 2.32
N GLU A 65 6.34 -14.91 1.50
CA GLU A 65 6.85 -15.31 0.20
C GLU A 65 7.28 -14.10 -0.60
N ILE A 66 6.30 -13.28 -0.97
CA ILE A 66 6.55 -12.16 -1.88
C ILE A 66 7.48 -11.14 -1.25
N GLN A 67 7.20 -10.75 -0.01
CA GLN A 67 7.93 -9.65 0.61
C GLN A 67 9.35 -10.07 1.00
N SER A 68 9.63 -11.36 1.09
CA SER A 68 11.00 -11.81 1.36
C SER A 68 11.88 -11.65 0.12
N HIS A 69 11.43 -12.19 -1.02
CA HIS A 69 12.20 -12.10 -2.25
C HIS A 69 12.04 -10.77 -2.96
N LEU A 70 11.15 -9.91 -2.49
CA LEU A 70 11.04 -8.55 -3.00
C LEU A 70 12.08 -7.69 -2.28
N ARG A 71 13.15 -7.35 -3.00
CA ARG A 71 14.18 -6.44 -2.49
C ARG A 71 14.12 -5.17 -3.34
N HIS A 72 13.75 -4.05 -2.70
CA HIS A 72 13.54 -2.80 -3.42
C HIS A 72 13.51 -1.68 -2.40
N PRO A 73 14.11 -0.51 -2.69
CA PRO A 73 14.16 0.55 -1.67
C PRO A 73 12.79 1.11 -1.31
N ASN A 74 11.87 1.19 -2.27
CA ASN A 74 10.52 1.66 -2.01
C ASN A 74 9.56 0.53 -1.65
N ILE A 75 10.08 -0.60 -1.19
CA ILE A 75 9.26 -1.70 -0.69
C ILE A 75 9.76 -2.05 0.71
N LEU A 76 8.84 -2.14 1.67
CA LEU A 76 9.22 -2.53 3.01
C LEU A 76 9.73 -3.96 2.99
N ARG A 77 10.90 -4.18 3.58
CA ARG A 77 11.52 -5.50 3.58
C ARG A 77 10.97 -6.36 4.71
N LEU A 78 10.94 -7.66 4.46
CA LEU A 78 10.58 -8.65 5.47
C LEU A 78 11.82 -9.50 5.71
N TYR A 79 12.42 -9.36 6.88
CA TYR A 79 13.71 -10.00 7.13
C TYR A 79 13.54 -11.49 7.35
N GLY A 80 12.51 -11.88 8.08
CA GLY A 80 12.28 -13.26 8.40
C GLY A 80 10.99 -13.40 9.18
N TYR A 81 10.78 -14.58 9.73
CA TYR A 81 9.59 -14.82 10.53
C TYR A 81 9.87 -15.96 11.50
N PHE A 82 8.95 -16.12 12.45
CA PHE A 82 8.96 -17.24 13.37
C PHE A 82 7.59 -17.25 14.04
N HIS A 83 7.31 -18.32 14.77
CA HIS A 83 6.03 -18.44 15.43
C HIS A 83 6.19 -19.32 16.66
N ASP A 84 5.32 -19.08 17.64
CA ASP A 84 5.19 -19.95 18.81
C ASP A 84 3.93 -20.79 18.65
N ALA A 85 3.28 -21.14 19.75
CA ALA A 85 2.09 -21.99 19.71
C ALA A 85 0.80 -21.19 19.50
N THR A 86 0.88 -19.87 19.35
CA THR A 86 -0.31 -19.04 19.23
C THR A 86 -0.15 -17.96 18.18
N ARG A 87 1.00 -17.29 18.18
CA ARG A 87 1.21 -16.12 17.33
C ARG A 87 2.19 -16.45 16.21
N VAL A 88 2.12 -15.64 15.15
CA VAL A 88 3.09 -15.66 14.07
C VAL A 88 3.80 -14.31 14.07
N TYR A 89 5.13 -14.34 14.09
CA TYR A 89 5.94 -13.14 14.21
C TYR A 89 6.65 -12.87 12.89
N LEU A 90 6.33 -11.73 12.27
CA LEU A 90 7.03 -11.27 11.08
C LEU A 90 8.04 -10.19 11.48
N ILE A 91 9.29 -10.39 11.09
CA ILE A 91 10.37 -9.47 11.44
C ILE A 91 10.52 -8.51 10.26
N LEU A 92 9.97 -7.31 10.40
CA LEU A 92 9.86 -6.37 9.30
C LEU A 92 10.83 -5.21 9.45
N GLU A 93 11.24 -4.67 8.31
CA GLU A 93 11.97 -3.41 8.31
C GLU A 93 11.17 -2.35 9.06
N TYR A 94 11.86 -1.59 9.89
CA TYR A 94 11.27 -0.48 10.62
C TYR A 94 11.29 0.77 9.75
N ALA A 95 10.13 1.42 9.65
CA ALA A 95 9.99 2.65 8.87
C ALA A 95 9.82 3.80 9.84
N PRO A 96 10.87 4.57 10.12
CA PRO A 96 10.83 5.46 11.30
C PRO A 96 9.91 6.65 11.17
N LEU A 97 9.44 6.99 9.98
CA LEU A 97 8.58 8.14 9.79
C LEU A 97 7.11 7.75 9.64
N GLY A 98 6.75 6.53 10.01
CA GLY A 98 5.35 6.17 10.07
C GLY A 98 4.71 6.07 8.70
N THR A 99 3.39 6.05 8.71
CA THR A 99 2.62 5.83 7.50
C THR A 99 2.34 7.13 6.77
N VAL A 100 2.14 7.03 5.46
CA VAL A 100 1.58 8.15 4.71
C VAL A 100 0.20 8.46 5.23
N TYR A 101 -0.51 7.46 5.75
CA TYR A 101 -1.81 7.71 6.34
C TYR A 101 -1.69 8.74 7.46
N ARG A 102 -0.74 8.55 8.37
CA ARG A 102 -0.56 9.50 9.46
C ARG A 102 -0.16 10.87 8.92
N GLU A 103 0.65 10.90 7.85
CA GLU A 103 1.10 12.18 7.32
C GLU A 103 -0.04 12.96 6.70
N LEU A 104 -1.02 12.26 6.09
CA LEU A 104 -2.20 12.92 5.57
C LEU A 104 -3.05 13.50 6.71
N GLN A 105 -3.26 12.71 7.77
CA GLN A 105 -3.91 13.25 8.95
C GLN A 105 -3.19 14.50 9.44
N LYS A 106 -1.86 14.47 9.40
CA LYS A 106 -1.08 15.58 9.95
C LYS A 106 -1.15 16.81 9.04
N LEU A 107 -0.95 16.62 7.73
CA LEU A 107 -0.90 17.74 6.79
C LEU A 107 -2.23 18.00 6.10
N SER A 108 -3.29 17.24 6.43
CA SER A 108 -4.59 17.42 5.81
C SER A 108 -4.56 17.00 4.34
N LYS A 109 -3.73 17.65 3.53
CA LYS A 109 -3.49 17.22 2.16
C LYS A 109 -2.05 17.59 1.79
N PHE A 110 -1.61 17.08 0.64
CA PHE A 110 -0.23 17.19 0.21
C PHE A 110 -0.11 18.15 -0.96
N ASP A 111 1.05 18.79 -1.07
CA ASP A 111 1.35 19.63 -2.21
C ASP A 111 1.74 18.75 -3.40
N GLU A 112 1.77 19.37 -4.58
CA GLU A 112 2.06 18.62 -5.80
C GLU A 112 3.45 18.01 -5.77
N GLN A 113 4.39 18.61 -5.03
CA GLN A 113 5.74 18.08 -4.99
C GLN A 113 5.79 16.79 -4.18
N ARG A 114 5.22 16.80 -2.98
CA ARG A 114 5.22 15.60 -2.15
C ARG A 114 4.41 14.50 -2.81
N THR A 115 3.23 14.83 -3.32
CA THR A 115 2.38 13.85 -3.98
C THR A 115 3.11 13.20 -5.14
N ALA A 116 3.60 14.00 -6.09
CA ALA A 116 4.26 13.45 -7.27
C ALA A 116 5.47 12.60 -6.90
N THR A 117 6.11 12.90 -5.77
CA THR A 117 7.27 12.11 -5.36
C THR A 117 6.84 10.76 -4.77
N TYR A 118 5.78 10.76 -3.96
CA TYR A 118 5.25 9.49 -3.47
C TYR A 118 4.72 8.64 -4.63
N ILE A 119 4.06 9.26 -5.59
CA ILE A 119 3.56 8.53 -6.76
C ILE A 119 4.72 7.94 -7.54
N THR A 120 5.80 8.70 -7.71
CA THR A 120 6.98 8.19 -8.41
C THR A 120 7.57 6.98 -7.68
N GLU A 121 7.80 7.11 -6.38
CA GLU A 121 8.33 5.98 -5.62
C GLU A 121 7.37 4.79 -5.67
N LEU A 122 6.07 5.06 -5.61
CA LEU A 122 5.08 4.00 -5.72
C LEU A 122 5.20 3.27 -7.05
N ALA A 123 5.19 4.04 -8.15
CA ALA A 123 5.27 3.44 -9.47
C ALA A 123 6.52 2.59 -9.63
N ASN A 124 7.66 3.09 -9.12
CA ASN A 124 8.89 2.32 -9.14
C ASN A 124 8.70 0.98 -8.43
N ALA A 125 8.32 1.04 -7.15
CA ALA A 125 8.04 -0.19 -6.40
C ALA A 125 7.02 -1.05 -7.13
N LEU A 126 5.95 -0.44 -7.64
CA LEU A 126 4.93 -1.22 -8.34
C LEU A 126 5.46 -1.77 -9.65
N SER A 127 6.35 -1.03 -10.32
CA SER A 127 6.94 -1.53 -11.56
C SER A 127 7.83 -2.73 -11.29
N TYR A 128 8.62 -2.68 -10.22
CA TYR A 128 9.37 -3.85 -9.77
C TYR A 128 8.42 -5.01 -9.48
N CYS A 129 7.29 -4.74 -8.81
CA CYS A 129 6.38 -5.80 -8.43
C CYS A 129 5.67 -6.40 -9.65
N HIS A 130 5.25 -5.55 -10.58
CA HIS A 130 4.54 -6.02 -11.75
C HIS A 130 5.47 -6.75 -12.71
N SER A 131 6.74 -6.34 -12.78
CA SER A 131 7.72 -7.08 -13.56
C SER A 131 7.85 -8.52 -13.10
N LYS A 132 7.48 -8.80 -11.84
CA LYS A 132 7.44 -10.17 -11.32
C LYS A 132 6.02 -10.66 -11.18
N ARG A 133 5.10 -10.11 -11.97
CA ARG A 133 3.69 -10.51 -11.96
C ARG A 133 3.08 -10.45 -10.57
N VAL A 134 3.71 -9.71 -9.66
CA VAL A 134 3.18 -9.49 -8.32
C VAL A 134 2.34 -8.22 -8.34
N ILE A 135 1.11 -8.33 -7.85
CA ILE A 135 0.18 -7.21 -7.81
C ILE A 135 -0.30 -7.05 -6.38
N HIS A 136 -0.27 -5.81 -5.89
CA HIS A 136 -0.48 -5.57 -4.46
C HIS A 136 -1.95 -5.72 -4.08
N ARG A 137 -2.82 -5.01 -4.78
CA ARG A 137 -4.27 -5.06 -4.60
C ARG A 137 -4.73 -4.45 -3.30
N ASP A 138 -3.84 -3.84 -2.52
CA ASP A 138 -4.24 -3.18 -1.28
C ASP A 138 -3.42 -1.92 -1.07
N ILE A 139 -3.14 -1.21 -2.15
CA ILE A 139 -2.36 0.03 -2.09
C ILE A 139 -3.26 1.12 -1.50
N LYS A 140 -2.94 1.55 -0.28
CA LYS A 140 -3.69 2.60 0.40
C LYS A 140 -2.77 3.24 1.43
N PRO A 141 -3.08 4.44 1.90
CA PRO A 141 -2.10 5.18 2.71
C PRO A 141 -1.61 4.41 3.94
N GLU A 142 -2.51 3.71 4.64
CA GLU A 142 -2.08 3.02 5.85
C GLU A 142 -1.08 1.90 5.56
N ASN A 143 -0.92 1.48 4.31
CA ASN A 143 0.08 0.51 3.91
C ASN A 143 1.29 1.14 3.24
N LEU A 144 1.40 2.46 3.30
CA LEU A 144 2.53 3.19 2.73
C LEU A 144 3.34 3.73 3.89
N LEU A 145 4.55 3.22 4.06
CA LEU A 145 5.42 3.61 5.14
C LEU A 145 6.55 4.50 4.63
N LEU A 146 7.11 5.28 5.54
CA LEU A 146 8.12 6.27 5.23
C LEU A 146 9.42 5.88 5.90
N GLY A 147 10.49 5.78 5.10
CA GLY A 147 11.81 5.54 5.64
C GLY A 147 12.42 6.80 6.27
N SER A 148 13.62 6.62 6.84
CA SER A 148 14.29 7.73 7.53
C SER A 148 14.48 8.92 6.60
N ALA A 149 14.78 8.68 5.32
CA ALA A 149 14.90 9.75 4.35
C ALA A 149 13.54 10.20 3.81
N GLY A 150 12.44 9.86 4.48
CA GLY A 150 11.12 10.15 3.97
C GLY A 150 10.69 9.32 2.77
N GLU A 151 11.51 8.37 2.32
CA GLU A 151 11.17 7.60 1.13
C GLU A 151 9.96 6.70 1.39
N LEU A 152 9.07 6.66 0.42
CA LEU A 152 7.87 5.85 0.53
C LEU A 152 8.22 4.37 0.39
N LYS A 153 7.57 3.53 1.21
CA LYS A 153 7.80 2.09 1.19
C LYS A 153 6.46 1.38 1.26
N ILE A 154 6.16 0.58 0.23
CA ILE A 154 4.95 -0.24 0.26
C ILE A 154 5.15 -1.39 1.23
N ALA A 155 4.15 -1.64 2.06
CA ALA A 155 4.15 -2.73 3.02
C ALA A 155 2.85 -3.52 2.88
N ASP A 156 2.69 -4.52 3.74
CA ASP A 156 1.46 -5.30 3.85
C ASP A 156 1.08 -5.94 2.52
N PHE A 157 1.80 -6.99 2.16
CA PHE A 157 1.48 -7.78 0.97
C PHE A 157 0.55 -8.94 1.28
N GLY A 158 -0.26 -8.83 2.32
CA GLY A 158 -1.23 -9.87 2.62
C GLY A 158 -2.06 -10.24 1.42
N TRP A 159 -2.80 -9.26 0.89
CA TRP A 159 -3.64 -9.48 -0.27
C TRP A 159 -2.86 -9.52 -1.57
N SER A 160 -1.53 -9.46 -1.51
CA SER A 160 -0.73 -9.61 -2.72
C SER A 160 -1.00 -10.98 -3.34
N VAL A 161 -1.03 -11.01 -4.68
CA VAL A 161 -1.20 -12.25 -5.42
C VAL A 161 -0.42 -12.12 -6.72
N HIS A 162 -0.15 -13.27 -7.34
CA HIS A 162 0.59 -13.32 -8.59
C HIS A 162 -0.38 -13.43 -9.76
N ALA A 163 -0.06 -12.77 -10.86
CA ALA A 163 -0.81 -12.91 -12.10
C ALA A 163 -2.28 -12.59 -11.85
N PRO A 164 -3.17 -12.79 -12.83
CA PRO A 164 -4.59 -12.56 -12.59
C PRO A 164 -5.11 -13.38 -11.42
N SER A 165 -6.21 -12.90 -10.84
CA SER A 165 -6.82 -13.56 -9.69
C SER A 165 -8.30 -13.20 -9.65
N SER A 166 -8.97 -13.56 -8.57
CA SER A 166 -10.40 -13.30 -8.41
C SER A 166 -10.84 -13.46 -6.96
N THR A 174 -12.01 -0.47 3.80
CA THR A 174 -13.15 -0.14 2.97
C THR A 174 -12.85 -0.45 1.49
N LEU A 175 -13.73 0.04 0.62
CA LEU A 175 -13.56 -0.15 -0.81
C LEU A 175 -12.81 0.99 -1.47
N ASP A 176 -12.45 2.03 -0.71
CA ASP A 176 -12.05 3.31 -1.29
C ASP A 176 -11.01 3.16 -2.39
N TYR A 177 -10.09 2.20 -2.27
CA TYR A 177 -8.97 2.11 -3.20
C TYR A 177 -9.08 0.96 -4.20
N LEU A 178 -10.12 0.16 -4.11
CA LEU A 178 -10.24 -1.00 -4.99
C LEU A 178 -10.87 -0.59 -6.32
N PRO A 179 -10.39 -1.12 -7.44
CA PRO A 179 -11.00 -0.81 -8.74
C PRO A 179 -12.35 -1.49 -8.89
N PRO A 180 -13.10 -1.18 -9.96
CA PRO A 180 -14.42 -1.81 -10.13
C PRO A 180 -14.36 -3.32 -10.29
N GLU A 181 -13.38 -3.83 -11.04
CA GLU A 181 -13.32 -5.26 -11.27
C GLU A 181 -13.18 -6.02 -9.97
N MET A 182 -12.41 -5.50 -9.02
CA MET A 182 -12.23 -6.18 -7.75
C MET A 182 -13.51 -6.16 -6.92
N ILE A 183 -14.08 -4.97 -6.71
CA ILE A 183 -15.27 -4.90 -5.86
C ILE A 183 -16.42 -5.66 -6.49
N GLU A 184 -16.43 -5.76 -7.82
CA GLU A 184 -17.46 -6.50 -8.54
C GLU A 184 -17.13 -7.99 -8.69
N GLY A 185 -15.99 -8.44 -8.15
CA GLY A 185 -15.64 -9.84 -8.13
C GLY A 185 -14.95 -10.36 -9.36
N ARG A 186 -14.90 -9.59 -10.44
CA ARG A 186 -14.34 -10.06 -11.70
C ARG A 186 -12.88 -10.47 -11.56
N MET A 187 -12.29 -10.93 -12.65
CA MET A 187 -10.86 -11.19 -12.69
C MET A 187 -10.13 -9.86 -12.89
N HIS A 188 -8.91 -9.79 -12.35
CA HIS A 188 -8.18 -8.53 -12.27
C HIS A 188 -6.70 -8.80 -12.34
N ASP A 189 -5.96 -7.84 -12.89
CA ASP A 189 -4.54 -7.99 -13.14
C ASP A 189 -3.74 -6.85 -12.55
N GLU A 190 -2.57 -6.55 -13.13
CA GLU A 190 -1.71 -5.49 -12.60
C GLU A 190 -2.41 -4.14 -12.59
N LYS A 191 -3.33 -3.90 -13.51
CA LYS A 191 -4.02 -2.62 -13.58
C LYS A 191 -4.74 -2.26 -12.28
N VAL A 192 -4.93 -3.22 -11.38
CA VAL A 192 -5.53 -2.91 -10.08
C VAL A 192 -4.73 -1.81 -9.39
N ASP A 193 -3.42 -1.97 -9.33
CA ASP A 193 -2.59 -1.03 -8.58
C ASP A 193 -2.52 0.32 -9.27
N LEU A 194 -2.67 0.34 -10.60
CA LEU A 194 -2.71 1.61 -11.32
C LEU A 194 -3.94 2.42 -10.93
N TRP A 195 -5.08 1.75 -10.75
CA TRP A 195 -6.28 2.41 -10.25
C TRP A 195 -6.03 2.98 -8.85
N SER A 196 -5.61 2.11 -7.92
CA SER A 196 -5.29 2.54 -6.58
C SER A 196 -4.32 3.72 -6.60
N LEU A 197 -3.35 3.68 -7.50
CA LEU A 197 -2.39 4.79 -7.63
C LEU A 197 -3.12 6.09 -7.95
N GLY A 198 -4.14 6.04 -8.80
CA GLY A 198 -4.91 7.24 -9.08
C GLY A 198 -5.76 7.68 -7.90
N VAL A 199 -6.41 6.72 -7.23
CA VAL A 199 -7.09 7.03 -5.98
C VAL A 199 -6.13 7.70 -5.01
N LEU A 200 -4.92 7.15 -4.89
CA LEU A 200 -3.94 7.72 -3.96
C LEU A 200 -3.54 9.12 -4.38
N CYS A 201 -3.16 9.28 -5.66
CA CYS A 201 -2.79 10.60 -6.13
C CYS A 201 -3.87 11.61 -5.79
N TYR A 202 -5.13 11.23 -5.98
CA TYR A 202 -6.23 12.12 -5.65
C TYR A 202 -6.26 12.42 -4.15
N GLU A 203 -6.26 11.38 -3.31
CA GLU A 203 -6.33 11.59 -1.88
C GLU A 203 -5.18 12.46 -1.39
N PHE A 204 -3.99 12.30 -1.99
CA PHE A 204 -2.85 13.12 -1.57
C PHE A 204 -3.13 14.60 -1.81
N LEU A 205 -3.70 14.96 -2.96
CA LEU A 205 -3.91 16.37 -3.27
C LEU A 205 -5.15 16.94 -2.60
N VAL A 206 -6.16 16.11 -2.37
CA VAL A 206 -7.46 16.59 -1.88
C VAL A 206 -7.65 16.29 -0.40
N GLY A 207 -6.98 15.27 0.11
CA GLY A 207 -7.11 14.87 1.48
C GLY A 207 -8.15 13.80 1.74
N LYS A 208 -9.05 13.58 0.80
CA LYS A 208 -10.02 12.49 0.81
C LYS A 208 -9.86 11.66 -0.46
N PRO A 209 -10.14 10.36 -0.42
CA PRO A 209 -10.12 9.58 -1.66
C PRO A 209 -11.35 9.90 -2.49
N PRO A 210 -11.26 9.76 -3.82
CA PRO A 210 -12.29 10.34 -4.70
C PRO A 210 -13.66 9.68 -4.60
N PHE A 211 -13.75 8.44 -4.11
CA PHE A 211 -15.04 7.76 -4.06
C PHE A 211 -15.57 7.61 -2.65
N GLU A 212 -15.00 8.34 -1.68
CA GLU A 212 -15.46 8.26 -0.31
C GLU A 212 -16.94 8.55 -0.22
N ALA A 213 -17.64 7.72 0.57
CA ALA A 213 -19.05 7.93 0.89
C ALA A 213 -19.27 7.58 2.35
N ASN A 214 -20.48 7.82 2.83
CA ASN A 214 -20.80 7.48 4.21
C ASN A 214 -21.12 6.00 4.38
N THR A 215 -21.33 5.28 3.29
CA THR A 215 -21.65 3.86 3.36
C THR A 215 -20.85 3.09 2.33
N TYR A 216 -20.62 1.82 2.64
CA TYR A 216 -20.02 0.89 1.69
C TYR A 216 -20.84 0.80 0.42
N GLN A 217 -22.17 0.87 0.54
CA GLN A 217 -23.04 0.71 -0.63
C GLN A 217 -22.98 1.94 -1.53
N GLU A 218 -22.88 3.13 -0.95
CA GLU A 218 -22.66 4.34 -1.75
C GLU A 218 -21.30 4.28 -2.45
N THR A 219 -20.23 4.02 -1.68
CA THR A 219 -18.89 3.95 -2.26
C THR A 219 -18.84 2.95 -3.40
N TYR A 220 -19.48 1.79 -3.23
CA TYR A 220 -19.55 0.80 -4.30
C TYR A 220 -20.11 1.41 -5.57
N LYS A 221 -21.23 2.13 -5.44
CA LYS A 221 -21.84 2.79 -6.60
C LYS A 221 -20.88 3.78 -7.24
N ARG A 222 -20.24 4.62 -6.42
CA ARG A 222 -19.34 5.64 -6.96
CA ARG A 222 -19.34 5.63 -6.95
C ARG A 222 -18.15 5.01 -7.66
N ILE A 223 -17.64 3.88 -7.14
CA ILE A 223 -16.50 3.23 -7.78
C ILE A 223 -16.91 2.60 -9.11
N SER A 224 -18.02 1.85 -9.11
CA SER A 224 -18.42 1.13 -10.31
C SER A 224 -18.86 2.09 -11.41
N ARG A 225 -19.49 3.21 -11.03
CA ARG A 225 -19.79 4.25 -11.99
C ARG A 225 -18.61 5.19 -12.27
N VAL A 226 -17.58 5.17 -11.41
CA VAL A 226 -16.44 6.08 -11.49
C VAL A 226 -16.91 7.52 -11.31
N GLU A 227 -17.73 7.74 -10.29
CA GLU A 227 -18.26 9.06 -9.99
C GLU A 227 -17.33 9.78 -9.05
N PHE A 228 -16.48 10.66 -9.60
CA PHE A 228 -15.63 11.53 -8.80
C PHE A 228 -15.51 12.88 -9.48
N THR A 229 -15.39 13.93 -8.65
CA THR A 229 -15.16 15.28 -9.14
C THR A 229 -13.91 15.85 -8.48
N PHE A 230 -13.29 16.82 -9.18
CA PHE A 230 -12.08 17.47 -8.70
C PHE A 230 -12.41 18.79 -8.02
N PRO A 231 -11.87 19.05 -6.83
CA PRO A 231 -11.90 20.42 -6.31
C PRO A 231 -11.16 21.37 -7.25
N ASP A 232 -11.41 22.67 -7.07
CA ASP A 232 -10.81 23.66 -7.96
C ASP A 232 -9.30 23.68 -7.83
N PHE A 233 -8.78 23.52 -6.62
CA PHE A 233 -7.34 23.62 -6.41
C PHE A 233 -6.56 22.45 -7.02
N VAL A 234 -7.22 21.48 -7.63
CA VAL A 234 -6.52 20.38 -8.28
C VAL A 234 -6.18 20.81 -9.69
N THR A 235 -4.89 20.89 -10.00
CA THR A 235 -4.43 21.40 -11.28
C THR A 235 -4.75 20.42 -12.40
N GLU A 236 -4.87 20.97 -13.61
CA GLU A 236 -5.20 20.14 -14.76
C GLU A 236 -4.16 19.03 -14.98
N GLY A 237 -2.89 19.30 -14.68
CA GLY A 237 -1.89 18.24 -14.79
C GLY A 237 -2.23 17.03 -13.95
N ALA A 238 -2.53 17.25 -12.67
CA ALA A 238 -2.92 16.16 -11.79
C ALA A 238 -4.23 15.53 -12.23
N ARG A 239 -5.19 16.36 -12.68
CA ARG A 239 -6.45 15.84 -13.16
C ARG A 239 -6.25 14.90 -14.34
N ASP A 240 -5.32 15.24 -15.23
CA ASP A 240 -5.08 14.41 -16.39
C ASP A 240 -4.54 13.05 -15.98
N LEU A 241 -3.50 13.05 -15.13
CA LEU A 241 -2.96 11.78 -14.66
C LEU A 241 -4.04 10.95 -13.97
N ILE A 242 -4.79 11.58 -13.06
CA ILE A 242 -5.76 10.85 -12.26
C ILE A 242 -6.85 10.28 -13.16
N SER A 243 -7.38 11.09 -14.08
CA SER A 243 -8.40 10.59 -14.99
C SER A 243 -7.89 9.44 -15.83
N ARG A 244 -6.59 9.43 -16.15
CA ARG A 244 -6.02 8.32 -16.90
C ARG A 244 -5.94 7.05 -16.05
N LEU A 245 -5.70 7.21 -14.75
CA LEU A 245 -5.55 6.05 -13.87
C LEU A 245 -6.91 5.49 -13.44
N LEU A 246 -7.92 6.36 -13.33
CA LEU A 246 -9.24 5.95 -12.85
C LEU A 246 -10.17 5.60 -14.00
N LYS A 247 -9.67 4.88 -14.99
CA LYS A 247 -10.51 4.39 -16.08
C LYS A 247 -11.20 3.09 -15.65
N HIS A 248 -12.51 3.00 -15.89
CA HIS A 248 -13.23 1.79 -15.55
C HIS A 248 -12.60 0.57 -16.21
N ASN A 249 -12.11 0.74 -17.44
CA ASN A 249 -11.53 -0.36 -18.19
C ASN A 249 -10.07 -0.52 -17.84
N PRO A 250 -9.66 -1.64 -17.22
CA PRO A 250 -8.24 -1.80 -16.87
C PRO A 250 -7.28 -1.55 -18.02
N SER A 251 -7.66 -1.95 -19.25
CA SER A 251 -6.75 -1.78 -20.39
C SER A 251 -6.54 -0.31 -20.74
N GLN A 252 -7.55 0.54 -20.50
CA GLN A 252 -7.39 1.96 -20.77
C GLN A 252 -6.48 2.65 -19.75
N ARG A 253 -6.33 2.07 -18.56
CA ARG A 253 -5.44 2.65 -17.57
C ARG A 253 -4.01 2.61 -18.08
N PRO A 254 -3.23 3.65 -17.86
CA PRO A 254 -1.84 3.63 -18.35
C PRO A 254 -1.02 2.56 -17.66
N MET A 255 0.22 2.41 -18.08
CA MET A 255 1.18 1.59 -17.35
C MET A 255 2.08 2.50 -16.53
N LEU A 256 2.78 1.90 -15.58
CA LEU A 256 3.56 2.65 -14.60
C LEU A 256 4.63 3.52 -15.25
N ARG A 257 4.76 3.41 -16.56
CA ARG A 257 5.81 4.07 -17.33
C ARG A 257 5.30 5.32 -18.01
N GLU A 258 4.07 5.27 -18.52
CA GLU A 258 3.37 6.50 -18.87
C GLU A 258 3.16 7.37 -17.64
N VAL A 259 2.98 6.75 -16.47
CA VAL A 259 2.84 7.50 -15.22
C VAL A 259 4.15 8.19 -14.88
N LEU A 260 5.26 7.44 -14.85
CA LEU A 260 6.55 8.04 -14.57
C LEU A 260 6.96 9.03 -15.64
N GLU A 261 6.51 8.81 -16.88
CA GLU A 261 6.76 9.72 -17.98
C GLU A 261 5.65 10.75 -18.16
N HIS A 262 4.71 10.83 -17.22
CA HIS A 262 3.63 11.81 -17.32
C HIS A 262 4.18 13.19 -16.99
N PRO A 263 3.91 14.21 -17.81
CA PRO A 263 4.55 15.52 -17.59
C PRO A 263 4.30 16.11 -16.21
N TRP A 264 3.12 15.90 -15.63
CA TRP A 264 2.85 16.44 -14.31
C TRP A 264 3.75 15.80 -13.25
N ILE A 265 4.12 14.53 -13.44
CA ILE A 265 5.02 13.87 -12.49
C ILE A 265 6.44 14.41 -12.64
N THR A 266 6.99 14.35 -13.87
CA THR A 266 8.33 14.84 -14.11
C THR A 266 8.48 16.29 -13.68
N ALA A 267 7.39 17.06 -13.73
CA ALA A 267 7.45 18.47 -13.36
C ALA A 267 7.53 18.68 -11.86
N ASN A 268 6.86 17.83 -11.09
CA ASN A 268 6.76 18.04 -9.64
C ASN A 268 7.53 17.02 -8.82
N SER A 269 7.89 15.89 -9.39
CA SER A 269 8.57 14.86 -8.61
C SER A 269 10.05 15.20 -8.45
N SER A 270 10.57 14.91 -7.26
CA SER A 270 11.99 15.05 -6.97
C SER A 270 12.75 13.74 -7.16
N LYS A 271 12.31 12.88 -8.07
CA LYS A 271 13.01 11.63 -8.37
C LYS A 271 13.16 11.47 -9.88
C8 P4G B . -5.87 21.75 3.65
C7 P4G B . -4.44 22.19 3.96
O4 P4G B . -3.64 22.11 2.81
C6 P4G B . -2.25 21.98 3.04
C5 P4G B . -1.53 21.60 1.74
O3 P4G B . -1.83 22.51 0.73
C4 P4G B . -1.68 22.04 -0.60
C3 P4G B . -2.15 23.09 -1.61
O2 P4G B . -3.53 23.29 -1.49
C2 P4G B . -4.01 24.57 -1.83
C1 P4G B . -5.52 24.65 -1.62
H81 P4G B . -6.34 21.60 4.48
H82 P4G B . -6.32 22.47 3.16
H83 P4G B . -5.87 20.96 3.11
H71 P4G B . -4.07 21.59 4.64
H72 P4G B . -4.44 23.10 4.29
H61 P4G B . -2.11 21.30 3.71
H62 P4G B . -1.91 22.83 3.36
H51 P4G B . -1.80 20.70 1.48
H52 P4G B . -0.56 21.61 1.90
H41 P4G B . -0.74 21.84 -0.76
H42 P4G B . -2.20 21.23 -0.71
H31 P4G B . -1.68 23.93 -1.43
H32 P4G B . -1.94 22.79 -2.50
H21 P4G B . -3.57 25.23 -1.26
H22 P4G B . -3.79 24.76 -2.76
H11 P4G B . -5.94 23.89 -2.04
H12 P4G B . -5.86 25.47 -2.02
H13 P4G B . -5.72 24.65 -0.67
#